data_4OR4
#
_entry.id   4OR4
#
_cell.length_a   42.936
_cell.length_b   90.698
_cell.length_c   95.774
_cell.angle_alpha   90.00
_cell.angle_beta   90.00
_cell.angle_gamma   90.00
#
_symmetry.space_group_name_H-M   'P 21 21 21'
#
loop_
_entity.id
_entity.type
_entity.pdbx_description
1 polymer 'Polymerase basic protein 2'
2 non-polymer "7N-METHYL-8-HYDROGUANOSINE-5'-DIPHOSPHATE"
3 water water
#
_entity_poly.entity_id   1
_entity_poly.type   'polypeptide(L)'
_entity_poly.pdbx_seq_one_letter_code
;GSHMKIRQRFRFGRLELKRISGRGFKNDEEILIGNGTIQKIGIWDGEEEFHVRCGECRGILKKSKMKLEKLLINSAKKED
MRDLIILCMVFSQDTRMFQGVRGEINFLNRAGQLLSPMYQLQRYFLNRSSDLFDQWGYEESPKASELHGINESMNASDYT
LKGVVVTKN
;
_entity_poly.pdbx_strand_id   A,B
#
loop_
_chem_comp.id
_chem_comp.type
_chem_comp.name
_chem_comp.formula
M7G non-polymer 7N-METHYL-8-HYDROGUANOSINE-5'-DIPHOSPHATE 'C11 H19 N5 O11 P2'
#
# COMPACT_ATOMS: atom_id res chain seq x y z
N ARG A 7 -9.44 -20.68 9.41
CA ARG A 7 -8.87 -20.21 8.12
C ARG A 7 -8.97 -21.36 7.11
N GLN A 8 -10.17 -21.72 6.70
CA GLN A 8 -10.21 -22.94 5.89
C GLN A 8 -10.12 -22.65 4.39
N ARG A 9 -9.67 -23.65 3.61
CA ARG A 9 -9.61 -23.47 2.14
C ARG A 9 -11.05 -23.22 1.59
N PHE A 10 -11.20 -22.32 0.63
CA PHE A 10 -12.51 -22.15 -0.03
C PHE A 10 -12.28 -21.76 -1.48
N ARG A 11 -13.33 -21.81 -2.29
CA ARG A 11 -13.19 -21.50 -3.73
C ARG A 11 -13.93 -20.24 -4.12
N PHE A 12 -13.42 -19.60 -5.17
CA PHE A 12 -14.18 -18.65 -5.95
C PHE A 12 -14.11 -19.23 -7.37
N GLY A 13 -15.02 -20.17 -7.71
CA GLY A 13 -14.88 -20.86 -9.02
C GLY A 13 -13.58 -21.60 -9.23
N ARG A 14 -12.83 -21.28 -10.30
CA ARG A 14 -11.51 -21.87 -10.49
C ARG A 14 -10.42 -21.41 -9.49
N LEU A 15 -10.67 -20.36 -8.72
CA LEU A 15 -9.65 -19.89 -7.81
C LEU A 15 -9.88 -20.60 -6.48
N GLU A 16 -8.81 -21.13 -5.85
CA GLU A 16 -8.86 -21.60 -4.47
C GLU A 16 -8.07 -20.64 -3.52
N LEU A 17 -8.60 -20.37 -2.33
CA LEU A 17 -8.04 -19.40 -1.36
C LEU A 17 -7.93 -19.99 0.00
N LYS A 18 -7.03 -19.43 0.80
CA LYS A 18 -6.96 -19.75 2.22
C LYS A 18 -6.42 -18.49 2.95
N ARG A 19 -7.15 -18.04 3.95
CA ARG A 19 -6.82 -16.78 4.57
C ARG A 19 -5.48 -16.89 5.28
N ILE A 20 -4.69 -15.87 5.12
CA ILE A 20 -3.46 -15.67 5.92
C ILE A 20 -3.77 -14.61 6.96
N SER A 21 -4.39 -13.49 6.57
CA SER A 21 -4.56 -12.39 7.50
C SER A 21 -5.66 -11.39 7.07
N GLY A 22 -6.11 -10.59 8.02
CA GLY A 22 -7.04 -9.56 7.71
C GLY A 22 -8.46 -10.02 7.78
N ARG A 23 -9.35 -9.07 7.70
CA ARG A 23 -10.79 -9.33 7.76
C ARG A 23 -11.47 -8.32 6.85
N GLY A 24 -12.38 -8.81 6.03
CA GLY A 24 -13.11 -7.90 5.19
C GLY A 24 -14.50 -7.69 5.73
N PHE A 25 -15.11 -6.57 5.37
CA PHE A 25 -16.54 -6.34 5.66
C PHE A 25 -17.13 -5.88 4.38
N LYS A 26 -18.29 -6.47 4.07
CA LYS A 26 -18.88 -6.27 2.80
C LYS A 26 -20.03 -5.27 2.86
N ASN A 27 -20.11 -4.37 1.88
CA ASN A 27 -21.22 -3.44 1.73
C ASN A 27 -21.67 -3.36 0.29
N ASP A 28 -22.98 -3.29 0.04
CA ASP A 28 -23.47 -3.24 -1.32
C ASP A 28 -23.23 -1.85 -1.91
N GLU A 29 -22.59 -1.79 -3.07
CA GLU A 29 -22.39 -0.47 -3.72
C GLU A 29 -22.82 -0.47 -5.18
N GLU A 30 -23.11 0.71 -5.71
CA GLU A 30 -23.46 0.84 -7.14
C GLU A 30 -22.18 0.99 -7.88
N ILE A 31 -21.79 0.03 -8.71
CA ILE A 31 -20.50 0.08 -9.43
C ILE A 31 -20.72 0.41 -10.90
N LEU A 32 -20.02 1.41 -11.38
CA LEU A 32 -20.07 1.75 -12.82
C LEU A 32 -19.08 0.81 -13.55
N ILE A 33 -19.60 -0.10 -14.37
CA ILE A 33 -18.70 -1.05 -15.02
C ILE A 33 -18.37 -0.43 -16.39
N GLY A 34 -17.22 -0.85 -16.94
CA GLY A 34 -16.69 -0.33 -18.21
C GLY A 34 -17.57 -0.39 -19.43
N ASN A 35 -18.67 -1.14 -19.40
CA ASN A 35 -19.61 -1.11 -20.54
C ASN A 35 -20.73 -0.05 -20.42
N GLY A 36 -20.61 0.87 -19.47
CA GLY A 36 -21.60 1.93 -19.29
C GLY A 36 -22.70 1.60 -18.30
N THR A 37 -22.87 0.32 -17.90
CA THR A 37 -23.96 0.02 -16.96
C THR A 37 -23.56 0.22 -15.49
N ILE A 38 -24.55 0.46 -14.63
CA ILE A 38 -24.30 0.49 -13.20
C ILE A 38 -24.89 -0.73 -12.54
N GLN A 39 -24.09 -1.42 -11.75
CA GLN A 39 -24.54 -2.65 -11.14
C GLN A 39 -24.22 -2.65 -9.64
N LYS A 40 -25.17 -3.17 -8.87
CA LYS A 40 -25.04 -3.26 -7.43
C LYS A 40 -24.27 -4.52 -7.11
N ILE A 41 -23.16 -4.36 -6.42
CA ILE A 41 -22.24 -5.48 -6.16
C ILE A 41 -21.76 -5.36 -4.69
N GLY A 42 -21.70 -6.48 -3.97
CA GLY A 42 -21.03 -6.53 -2.64
C GLY A 42 -19.56 -6.23 -2.73
N ILE A 43 -19.19 -5.08 -2.22
CA ILE A 43 -17.82 -4.65 -2.22
C ILE A 43 -17.21 -4.86 -0.85
N TRP A 44 -16.07 -5.56 -0.82
CA TRP A 44 -15.34 -5.79 0.44
C TRP A 44 -14.43 -4.62 0.85
N ASP A 45 -14.48 -4.30 2.14
CA ASP A 45 -13.60 -3.28 2.71
C ASP A 45 -12.73 -3.95 3.74
N GLY A 46 -11.43 -3.64 3.77
CA GLY A 46 -10.51 -4.27 4.69
C GLY A 46 -9.28 -4.78 3.93
N GLU A 47 -8.10 -4.73 4.58
CA GLU A 47 -6.91 -5.35 4.00
CA GLU A 47 -6.89 -5.31 4.07
C GLU A 47 -7.05 -6.81 4.31
N GLU A 48 -6.88 -7.62 3.28
CA GLU A 48 -6.96 -9.06 3.50
C GLU A 48 -5.82 -9.73 2.73
N GLU A 49 -5.33 -10.84 3.22
CA GLU A 49 -4.30 -11.53 2.52
C GLU A 49 -4.53 -13.07 2.49
N PHE A 50 -4.27 -13.66 1.33
CA PHE A 50 -4.63 -15.06 1.07
C PHE A 50 -3.55 -15.84 0.34
N HIS A 51 -3.28 -17.06 0.78
CA HIS A 51 -2.78 -18.06 -0.13
C HIS A 51 -3.82 -18.25 -1.27
N VAL A 52 -3.36 -18.30 -2.51
CA VAL A 52 -4.27 -18.56 -3.62
C VAL A 52 -3.69 -19.70 -4.45
N ARG A 53 -4.56 -20.32 -5.25
CA ARG A 53 -4.16 -21.35 -6.22
C ARG A 53 -5.08 -21.45 -7.36
N CYS A 54 -4.50 -21.68 -8.53
CA CYS A 54 -5.25 -22.10 -9.68
C CYS A 54 -4.45 -23.22 -10.37
N GLY A 55 -5.05 -24.41 -10.46
CA GLY A 55 -4.30 -25.58 -10.95
C GLY A 55 -2.96 -25.75 -10.17
N GLU A 56 -1.86 -25.68 -10.89
CA GLU A 56 -0.60 -26.02 -10.32
C GLU A 56 0.17 -24.73 -9.97
N CYS A 57 -0.49 -23.58 -10.05
CA CYS A 57 0.14 -22.32 -9.79
C CYS A 57 -0.25 -21.76 -8.39
N ARG A 58 0.74 -21.56 -7.53
CA ARG A 58 0.53 -21.04 -6.20
C ARG A 58 0.83 -19.56 -6.17
N GLY A 59 0.12 -18.81 -5.30
CA GLY A 59 0.38 -17.40 -5.14
C GLY A 59 0.01 -16.84 -3.78
N ILE A 60 0.42 -15.61 -3.51
CA ILE A 60 -0.03 -14.84 -2.39
C ILE A 60 -0.64 -13.53 -2.82
N LEU A 61 -1.88 -13.34 -2.43
CA LEU A 61 -2.63 -12.16 -2.76
C LEU A 61 -3.02 -11.25 -1.59
N LYS A 62 -2.78 -9.99 -1.79
CA LYS A 62 -3.15 -8.98 -0.84
C LYS A 62 -4.07 -7.98 -1.47
N LYS A 63 -5.19 -7.69 -0.83
CA LYS A 63 -6.14 -6.76 -1.40
C LYS A 63 -6.58 -5.78 -0.34
N SER A 64 -7.19 -4.69 -0.75
CA SER A 64 -7.84 -3.81 0.16
C SER A 64 -9.03 -3.39 -0.65
N LYS A 65 -9.80 -2.44 -0.15
CA LYS A 65 -11.04 -2.07 -0.82
C LYS A 65 -10.86 -1.77 -2.29
N MET A 66 -11.53 -2.57 -3.14
CA MET A 66 -11.42 -2.37 -4.59
C MET A 66 -9.99 -2.20 -5.14
N LYS A 67 -9.04 -2.98 -4.62
CA LYS A 67 -7.65 -2.79 -5.07
C LYS A 67 -6.85 -4.03 -4.86
N LEU A 68 -6.22 -4.56 -5.91
CA LEU A 68 -5.18 -5.58 -5.72
C LEU A 68 -3.91 -4.84 -5.24
N GLU A 69 -3.53 -5.05 -3.98
CA GLU A 69 -2.32 -4.41 -3.38
C GLU A 69 -1.07 -5.15 -3.92
N LYS A 70 -1.11 -6.49 -4.00
CA LYS A 70 0.07 -7.24 -4.52
C LYS A 70 -0.29 -8.68 -4.82
N LEU A 71 0.36 -9.25 -5.83
CA LEU A 71 0.27 -10.67 -6.04
C LEU A 71 1.63 -11.21 -6.43
N LEU A 72 2.08 -12.16 -5.61
CA LEU A 72 3.39 -12.75 -5.73
C LEU A 72 3.07 -14.19 -6.17
N ILE A 73 3.50 -14.59 -7.35
CA ILE A 73 3.23 -15.93 -7.75
C ILE A 73 4.49 -16.75 -7.94
N ASN A 74 4.38 -18.05 -7.65
CA ASN A 74 5.49 -19.01 -7.87
C ASN A 74 5.37 -19.55 -9.25
N SER A 75 6.44 -19.47 -10.04
CA SER A 75 6.27 -19.75 -11.46
C SER A 75 5.85 -21.17 -11.75
N ALA A 76 5.13 -21.30 -12.85
CA ALA A 76 4.42 -22.53 -13.14
C ALA A 76 4.05 -22.49 -14.58
N LYS A 77 3.30 -23.50 -15.00
CA LYS A 77 2.85 -23.59 -16.36
C LYS A 77 2.11 -22.29 -16.72
N LYS A 78 2.28 -21.78 -17.95
CA LYS A 78 1.81 -20.44 -18.28
C LYS A 78 0.31 -20.21 -18.17
N GLU A 79 -0.50 -21.14 -18.72
CA GLU A 79 -1.95 -21.08 -18.66
C GLU A 79 -2.46 -20.97 -17.21
N ASP A 80 -1.80 -21.64 -16.26
CA ASP A 80 -2.19 -21.60 -14.85
C ASP A 80 -1.75 -20.31 -14.20
N MET A 81 -0.59 -19.75 -14.62
CA MET A 81 -0.16 -18.40 -14.15
C MET A 81 -1.20 -17.39 -14.60
N ARG A 82 -1.59 -17.47 -15.87
CA ARG A 82 -2.49 -16.49 -16.45
C ARG A 82 -3.87 -16.51 -15.84
N ASP A 83 -4.48 -17.69 -15.70
CA ASP A 83 -5.72 -17.79 -15.02
C ASP A 83 -5.63 -17.35 -13.55
N LEU A 84 -4.59 -17.72 -12.81
CA LEU A 84 -4.42 -17.23 -11.43
C LEU A 84 -4.44 -15.71 -11.44
N ILE A 85 -3.72 -15.09 -12.40
CA ILE A 85 -3.72 -13.63 -12.42
C ILE A 85 -5.12 -13.04 -12.70
N ILE A 86 -5.79 -13.57 -13.72
CA ILE A 86 -7.11 -13.07 -14.03
C ILE A 86 -8.02 -13.19 -12.80
N LEU A 87 -7.92 -14.32 -12.10
CA LEU A 87 -8.89 -14.61 -11.05
C LEU A 87 -8.65 -13.75 -9.84
N CYS A 88 -7.38 -13.50 -9.54
CA CYS A 88 -6.99 -12.50 -8.50
C CYS A 88 -7.36 -11.08 -8.85
N MET A 89 -7.25 -10.68 -10.11
CA MET A 89 -7.78 -9.38 -10.50
C MET A 89 -9.32 -9.21 -10.21
N VAL A 90 -10.12 -10.22 -10.59
CA VAL A 90 -11.54 -10.24 -10.35
C VAL A 90 -11.80 -10.28 -8.86
N PHE A 91 -11.17 -11.20 -8.15
CA PHE A 91 -11.44 -11.36 -6.71
C PHE A 91 -11.03 -10.12 -5.94
N SER A 92 -9.94 -9.39 -6.33
CA SER A 92 -9.54 -8.13 -5.66
C SER A 92 -10.58 -7.01 -5.76
N GLN A 93 -11.49 -7.11 -6.75
CA GLN A 93 -12.53 -6.10 -7.00
C GLN A 93 -11.89 -4.75 -7.38
N ASP A 94 -10.72 -4.82 -7.99
CA ASP A 94 -10.00 -3.63 -8.36
C ASP A 94 -10.83 -2.82 -9.37
N THR A 95 -10.94 -1.53 -9.09
CA THR A 95 -11.51 -0.54 -10.02
C THR A 95 -11.11 -0.77 -11.48
N ARG A 96 -9.85 -1.05 -11.76
CA ARG A 96 -9.42 -1.28 -13.17
C ARG A 96 -10.09 -2.52 -13.79
N MET A 97 -10.29 -3.55 -12.98
CA MET A 97 -10.99 -4.79 -13.44
C MET A 97 -12.41 -4.47 -13.90
N PHE A 98 -13.19 -3.74 -13.08
CA PHE A 98 -14.55 -3.26 -13.47
C PHE A 98 -14.56 -2.45 -14.76
N GLN A 99 -13.59 -1.56 -14.91
CA GLN A 99 -13.46 -0.69 -16.06
C GLN A 99 -13.07 -1.53 -17.26
N GLY A 100 -12.43 -2.66 -17.05
CA GLY A 100 -12.02 -3.51 -18.20
C GLY A 100 -13.13 -4.21 -18.97
N VAL A 101 -14.35 -4.22 -18.41
CA VAL A 101 -15.50 -4.87 -19.03
C VAL A 101 -16.05 -3.96 -20.14
N ARG A 102 -15.92 -4.38 -21.40
CA ARG A 102 -16.35 -3.58 -22.53
C ARG A 102 -17.60 -4.20 -23.18
N GLY A 103 -17.72 -5.50 -23.11
CA GLY A 103 -18.89 -6.15 -23.69
C GLY A 103 -20.15 -6.30 -22.80
N GLU A 104 -21.04 -7.16 -23.23
CA GLU A 104 -22.26 -7.36 -22.48
C GLU A 104 -22.05 -8.33 -21.33
N ILE A 105 -22.60 -8.02 -20.16
CA ILE A 105 -22.65 -9.02 -19.10
C ILE A 105 -24.03 -9.04 -18.49
N ASN A 106 -24.55 -10.26 -18.39
CA ASN A 106 -25.88 -10.56 -17.81
C ASN A 106 -25.82 -10.98 -16.39
N PHE A 107 -26.71 -10.43 -15.59
CA PHE A 107 -26.81 -10.86 -14.18
C PHE A 107 -28.06 -11.67 -13.83
N LEU A 108 -28.75 -12.11 -14.88
CA LEU A 108 -29.91 -13.02 -14.84
C LEU A 108 -29.63 -14.05 -15.90
N ASN A 109 -29.98 -15.31 -15.68
CA ASN A 109 -29.90 -16.27 -16.80
C ASN A 109 -31.12 -16.21 -17.74
N ARG A 110 -31.25 -17.12 -18.72
CA ARG A 110 -32.46 -17.05 -19.60
C ARG A 110 -33.76 -17.38 -18.86
N ALA A 111 -33.74 -18.25 -17.86
CA ALA A 111 -34.96 -18.39 -17.06
C ALA A 111 -35.28 -17.18 -16.10
N GLY A 112 -34.57 -16.07 -16.19
CA GLY A 112 -34.83 -15.00 -15.18
C GLY A 112 -34.27 -15.26 -13.77
N GLN A 113 -33.47 -16.30 -13.62
CA GLN A 113 -32.83 -16.56 -12.32
C GLN A 113 -31.65 -15.61 -12.03
N LEU A 114 -31.42 -15.40 -10.74
CA LEU A 114 -30.37 -14.52 -10.19
C LEU A 114 -28.95 -15.12 -10.34
N LEU A 115 -28.04 -14.33 -10.89
CA LEU A 115 -26.66 -14.71 -11.05
C LEU A 115 -25.75 -13.82 -10.19
N SER A 116 -24.68 -14.43 -9.70
CA SER A 116 -23.68 -13.76 -8.89
C SER A 116 -22.88 -12.76 -9.72
N PRO A 117 -22.96 -11.46 -9.37
CA PRO A 117 -22.16 -10.54 -10.18
C PRO A 117 -20.65 -10.91 -10.25
N MET A 118 -20.08 -11.30 -9.13
CA MET A 118 -18.68 -11.67 -9.08
C MET A 118 -18.34 -12.92 -9.90
N TYR A 119 -19.19 -13.96 -9.80
CA TYR A 119 -18.95 -15.17 -10.59
CA TYR A 119 -18.91 -15.18 -10.60
C TYR A 119 -19.08 -14.89 -12.10
N GLN A 120 -20.06 -14.04 -12.45
CA GLN A 120 -20.25 -13.58 -13.83
C GLN A 120 -19.01 -12.87 -14.38
N LEU A 121 -18.42 -11.99 -13.57
CA LEU A 121 -17.13 -11.36 -13.87
C LEU A 121 -16.00 -12.33 -14.09
N GLN A 122 -15.90 -13.31 -13.20
CA GLN A 122 -14.93 -14.37 -13.38
C GLN A 122 -15.12 -15.00 -14.78
N ARG A 123 -16.34 -15.45 -15.08
CA ARG A 123 -16.65 -16.11 -16.37
C ARG A 123 -16.35 -15.14 -17.54
N TYR A 124 -16.72 -13.88 -17.39
CA TYR A 124 -16.42 -12.94 -18.45
C TYR A 124 -14.91 -12.88 -18.66
N PHE A 125 -14.14 -12.66 -17.58
CA PHE A 125 -12.73 -12.33 -17.79
C PHE A 125 -11.86 -13.49 -18.13
N LEU A 126 -12.27 -14.71 -17.79
CA LEU A 126 -11.42 -15.88 -18.14
C LEU A 126 -11.41 -16.04 -19.68
N ASN A 127 -12.41 -15.45 -20.34
CA ASN A 127 -12.54 -15.46 -21.82
C ASN A 127 -12.03 -14.14 -22.44
N ARG A 128 -11.90 -13.06 -21.64
CA ARG A 128 -11.47 -11.77 -22.14
C ARG A 128 -10.23 -11.18 -21.44
N SER A 129 -9.15 -11.93 -21.31
CA SER A 129 -8.02 -11.50 -20.46
C SER A 129 -7.19 -10.41 -21.12
N SER A 130 -7.12 -10.43 -22.45
CA SER A 130 -6.42 -9.35 -23.19
C SER A 130 -6.98 -8.01 -22.87
N ASP A 131 -8.30 -7.87 -22.97
CA ASP A 131 -8.91 -6.58 -22.61
C ASP A 131 -8.54 -6.24 -21.17
N LEU A 132 -8.62 -7.22 -20.25
CA LEU A 132 -8.28 -6.96 -18.84
C LEU A 132 -6.85 -6.50 -18.69
N PHE A 133 -5.89 -7.28 -19.21
CA PHE A 133 -4.47 -6.89 -19.10
C PHE A 133 -4.22 -5.51 -19.70
N ASP A 134 -4.82 -5.25 -20.88
CA ASP A 134 -4.68 -3.93 -21.52
CA ASP A 134 -4.75 -3.93 -21.56
C ASP A 134 -5.15 -2.77 -20.66
N GLN A 135 -6.34 -2.87 -20.06
CA GLN A 135 -6.86 -1.84 -19.10
C GLN A 135 -6.03 -1.77 -17.81
N TRP A 136 -5.45 -2.90 -17.40
CA TRP A 136 -4.82 -2.97 -16.07
C TRP A 136 -3.49 -2.17 -16.05
N GLY A 137 -2.70 -2.32 -17.12
CA GLY A 137 -1.45 -1.62 -17.24
C GLY A 137 -0.24 -2.21 -16.56
N TYR A 138 0.87 -1.50 -16.68
CA TYR A 138 2.19 -2.03 -16.44
C TYR A 138 3.00 -1.02 -15.66
N GLU A 139 3.96 -1.54 -14.94
CA GLU A 139 4.89 -0.76 -14.17
C GLU A 139 6.22 -1.48 -14.31
N GLU A 140 7.27 -0.80 -13.90
CA GLU A 140 8.62 -1.34 -13.99
C GLU A 140 8.70 -2.65 -13.15
N SER A 141 9.34 -3.68 -13.70
CA SER A 141 9.63 -4.92 -12.98
C SER A 141 10.64 -4.65 -11.83
N PRO A 142 10.66 -5.52 -10.82
CA PRO A 142 11.60 -5.38 -9.69
C PRO A 142 13.10 -5.44 -10.07
N LYS A 143 13.91 -4.62 -9.39
CA LYS A 143 15.35 -4.64 -9.56
C LYS A 143 15.93 -5.45 -8.42
N ALA A 144 15.51 -6.72 -8.36
CA ALA A 144 16.10 -7.72 -7.47
C ALA A 144 16.32 -9.01 -8.25
N SER A 145 17.38 -9.76 -7.93
CA SER A 145 17.67 -11.01 -8.66
C SER A 145 16.61 -12.12 -8.47
N GLU A 146 15.99 -12.24 -7.29
CA GLU A 146 15.14 -13.43 -7.04
C GLU A 146 13.61 -13.26 -7.35
N LEU A 147 13.30 -12.12 -7.97
CA LEU A 147 11.93 -11.67 -8.36
C LEU A 147 11.96 -11.18 -9.80
N HIS A 148 10.98 -11.55 -10.63
CA HIS A 148 10.90 -11.00 -11.99
CA HIS A 148 10.90 -10.98 -11.98
C HIS A 148 9.51 -10.47 -12.37
N GLY A 149 9.48 -9.62 -13.38
CA GLY A 149 8.23 -9.09 -13.93
C GLY A 149 7.64 -10.13 -14.85
N ILE A 150 6.37 -9.97 -15.17
CA ILE A 150 5.66 -10.84 -16.15
C ILE A 150 4.74 -9.97 -17.04
N ASN A 151 4.77 -10.15 -18.36
CA ASN A 151 3.89 -9.39 -19.30
C ASN A 151 2.60 -10.16 -19.65
N GLU A 152 1.82 -9.63 -20.61
CA GLU A 152 0.59 -10.27 -21.07
C GLU A 152 0.76 -11.69 -21.64
N SER A 153 2.00 -12.05 -22.00
CA SER A 153 2.28 -13.35 -22.62
C SER A 153 2.80 -14.34 -21.58
N MET A 154 2.83 -13.88 -20.32
CA MET A 154 3.35 -14.67 -19.21
C MET A 154 4.85 -14.87 -19.36
N ASN A 155 5.49 -13.92 -20.03
CA ASN A 155 6.94 -13.94 -20.22
C ASN A 155 7.61 -12.99 -19.25
N ALA A 156 8.80 -13.38 -18.83
CA ALA A 156 9.61 -12.55 -17.95
C ALA A 156 9.96 -11.29 -18.73
N SER A 157 9.78 -10.13 -18.13
CA SER A 157 9.90 -8.90 -18.89
C SER A 157 10.32 -7.73 -18.00
N ASP A 158 10.75 -6.62 -18.61
CA ASP A 158 11.13 -5.41 -17.86
C ASP A 158 9.97 -4.53 -17.38
N TYR A 159 8.79 -4.81 -17.94
CA TYR A 159 7.54 -4.34 -17.36
C TYR A 159 6.70 -5.53 -16.90
N THR A 160 5.98 -5.31 -15.82
CA THR A 160 5.16 -6.33 -15.26
C THR A 160 3.76 -5.77 -15.11
N LEU A 161 2.79 -6.65 -15.14
CA LEU A 161 1.44 -6.29 -14.77
C LEU A 161 1.46 -5.58 -13.39
N LYS A 162 0.71 -4.48 -13.23
CA LYS A 162 0.84 -3.72 -11.97
C LYS A 162 0.51 -4.57 -10.75
N GLY A 163 1.39 -4.57 -9.73
CA GLY A 163 1.14 -5.28 -8.46
C GLY A 163 1.47 -6.78 -8.53
N VAL A 164 1.96 -7.23 -9.68
CA VAL A 164 2.21 -8.67 -9.89
C VAL A 164 3.69 -8.94 -10.07
N VAL A 165 4.19 -9.89 -9.27
CA VAL A 165 5.57 -10.33 -9.36
C VAL A 165 5.66 -11.87 -9.25
N VAL A 166 6.68 -12.44 -9.89
CA VAL A 166 6.98 -13.86 -9.91
C VAL A 166 8.27 -14.18 -9.13
N THR A 167 8.26 -15.28 -8.42
CA THR A 167 9.41 -15.85 -7.75
C THR A 167 9.65 -17.23 -8.36
N LYS A 168 10.90 -17.67 -8.34
CA LYS A 168 11.25 -19.10 -8.53
C LYS A 168 11.46 -19.90 -7.22
N ASN A 169 11.76 -19.23 -6.10
CA ASN A 169 11.80 -19.90 -4.76
C ASN A 169 10.49 -20.58 -4.34
N ARG B 7 -4.39 16.91 -5.26
CA ARG B 7 -3.32 15.88 -5.56
C ARG B 7 -2.23 16.41 -6.44
N GLN B 8 -1.83 17.65 -6.26
CA GLN B 8 -0.54 17.99 -6.75
C GLN B 8 0.50 17.68 -5.67
N ARG B 9 1.72 17.56 -6.14
CA ARG B 9 2.88 17.41 -5.29
C ARG B 9 2.98 18.67 -4.43
N PHE B 10 3.43 18.49 -3.19
CA PHE B 10 3.75 19.63 -2.31
C PHE B 10 4.93 19.27 -1.41
N ARG B 11 5.51 20.23 -0.71
CA ARG B 11 6.70 19.99 0.12
C ARG B 11 6.46 20.23 1.60
N PHE B 12 7.17 19.43 2.41
CA PHE B 12 7.35 19.68 3.84
C PHE B 12 8.86 19.64 4.04
N GLY B 13 9.51 20.79 3.77
CA GLY B 13 10.99 20.84 3.83
C GLY B 13 11.61 19.85 2.87
N ARG B 14 12.41 18.92 3.38
CA ARG B 14 13.04 17.95 2.54
C ARG B 14 12.05 16.86 2.02
N LEU B 15 10.90 16.72 2.67
CA LEU B 15 9.90 15.71 2.23
C LEU B 15 9.02 16.24 1.11
N GLU B 16 8.89 15.49 0.03
CA GLU B 16 7.91 15.78 -1.01
C GLU B 16 6.75 14.78 -0.92
N LEU B 17 5.51 15.25 -1.15
CA LEU B 17 4.36 14.36 -0.94
C LEU B 17 3.34 14.57 -2.02
N LYS B 18 2.52 13.56 -2.24
CA LYS B 18 1.40 13.71 -3.12
C LYS B 18 0.26 12.82 -2.65
N ARG B 19 -0.90 13.42 -2.43
CA ARG B 19 -2.04 12.72 -1.89
C ARG B 19 -2.54 11.57 -2.76
N ILE B 20 -2.72 10.44 -2.11
CA ILE B 20 -3.38 9.31 -2.74
C ILE B 20 -4.84 9.24 -2.26
N SER B 21 -5.10 9.36 -0.94
CA SER B 21 -6.49 9.24 -0.41
C SER B 21 -6.63 9.86 0.94
N GLY B 22 -7.89 10.11 1.33
CA GLY B 22 -8.24 10.50 2.66
C GLY B 22 -8.24 11.99 2.75
N ARG B 23 -8.70 12.52 3.88
CA ARG B 23 -8.74 13.97 4.12
C ARG B 23 -8.51 14.25 5.60
N GLY B 24 -7.76 15.30 5.89
CA GLY B 24 -7.51 15.64 7.24
C GLY B 24 -8.13 16.98 7.61
N PHE B 25 -8.51 17.07 8.88
CA PHE B 25 -8.98 18.29 9.51
C PHE B 25 -8.00 18.66 10.63
N LYS B 26 -7.50 19.89 10.62
CA LYS B 26 -6.52 20.36 11.57
C LYS B 26 -7.19 21.06 12.73
N ASN B 27 -6.84 20.70 13.97
CA ASN B 27 -7.19 21.47 15.17
C ASN B 27 -5.93 21.79 15.97
N ASP B 28 -5.83 23.01 16.51
CA ASP B 28 -4.74 23.41 17.43
C ASP B 28 -4.84 22.70 18.78
N GLU B 29 -3.77 22.08 19.24
CA GLU B 29 -3.83 21.28 20.47
C GLU B 29 -2.61 21.57 21.31
N GLU B 30 -2.65 21.24 22.61
CA GLU B 30 -1.51 21.61 23.49
C GLU B 30 -0.70 20.35 23.71
N ILE B 31 0.50 20.30 23.14
CA ILE B 31 1.21 19.02 23.09
C ILE B 31 2.40 19.07 24.08
N LEU B 32 2.43 18.10 24.98
CA LEU B 32 3.60 17.93 25.84
C LEU B 32 4.72 17.29 25.01
N ILE B 33 5.76 18.04 24.65
CA ILE B 33 6.88 17.40 24.01
C ILE B 33 7.85 16.72 25.04
N GLY B 34 8.79 15.92 24.53
CA GLY B 34 9.62 15.09 25.42
C GLY B 34 10.47 15.86 26.42
N ASN B 35 10.86 17.10 26.08
CA ASN B 35 11.70 17.90 26.97
C ASN B 35 10.89 18.55 28.14
N GLY B 36 9.65 18.12 28.30
CA GLY B 36 8.79 18.60 29.35
C GLY B 36 8.03 19.90 29.06
N THR B 37 8.34 20.61 27.96
CA THR B 37 7.52 21.81 27.67
C THR B 37 6.22 21.51 26.89
N ILE B 38 5.26 22.43 26.97
CA ILE B 38 3.98 22.31 26.30
C ILE B 38 3.92 23.30 25.15
N GLN B 39 3.52 22.77 24.00
CA GLN B 39 3.49 23.61 22.82
C GLN B 39 2.23 23.44 22.04
N LYS B 40 1.66 24.57 21.66
CA LYS B 40 0.47 24.53 20.81
C LYS B 40 0.84 24.16 19.36
N ILE B 41 0.22 23.09 18.84
CA ILE B 41 0.52 22.62 17.47
C ILE B 41 -0.76 22.19 16.83
N GLY B 42 -0.96 22.54 15.57
CA GLY B 42 -2.11 22.06 14.81
C GLY B 42 -1.92 20.61 14.40
N ILE B 43 -2.85 19.79 14.86
CA ILE B 43 -2.79 18.36 14.80
C ILE B 43 -3.83 17.94 13.81
N TRP B 44 -3.42 17.10 12.86
CA TRP B 44 -4.32 16.63 11.82
C TRP B 44 -5.14 15.45 12.32
N ASP B 45 -6.43 15.42 11.95
CA ASP B 45 -7.32 14.28 12.36
C ASP B 45 -7.84 13.66 11.10
N GLY B 46 -7.81 12.32 10.99
CA GLY B 46 -8.31 11.61 9.81
C GLY B 46 -7.24 10.71 9.18
N GLU B 47 -7.66 9.65 8.49
CA GLU B 47 -6.74 8.77 7.80
CA GLU B 47 -6.71 8.80 7.80
C GLU B 47 -6.33 9.46 6.48
N GLU B 48 -5.02 9.52 6.22
CA GLU B 48 -4.51 10.17 4.99
C GLU B 48 -3.45 9.27 4.48
N GLU B 49 -3.38 9.19 3.16
CA GLU B 49 -2.38 8.36 2.47
C GLU B 49 -1.65 9.18 1.36
N PHE B 50 -0.33 9.09 1.31
CA PHE B 50 0.48 9.94 0.41
C PHE B 50 1.60 9.17 -0.29
N HIS B 51 1.86 9.47 -1.55
CA HIS B 51 3.16 9.11 -2.10
C HIS B 51 4.14 10.05 -1.41
N VAL B 52 5.30 9.59 -1.02
CA VAL B 52 6.36 10.47 -0.45
C VAL B 52 7.69 10.23 -1.16
N ARG B 53 8.60 11.20 -1.05
CA ARG B 53 9.92 11.09 -1.58
C ARG B 53 10.88 11.94 -0.73
N CYS B 54 12.05 11.39 -0.48
CA CYS B 54 13.19 12.21 -0.07
C CYS B 54 14.37 11.82 -0.97
N GLY B 55 14.97 12.77 -1.68
CA GLY B 55 16.06 12.43 -2.61
C GLY B 55 15.65 11.35 -3.61
N GLU B 56 16.38 10.23 -3.61
CA GLU B 56 16.09 9.16 -4.56
C GLU B 56 15.19 8.06 -3.97
N CYS B 57 14.68 8.29 -2.76
CA CYS B 57 13.94 7.27 -2.07
C CYS B 57 12.45 7.58 -2.11
N ARG B 58 11.65 6.62 -2.57
CA ARG B 58 10.18 6.73 -2.70
C ARG B 58 9.51 5.86 -1.66
N GLY B 59 8.31 6.22 -1.23
CA GLY B 59 7.50 5.33 -0.44
C GLY B 59 6.05 5.73 -0.47
N ILE B 60 5.31 5.06 0.38
CA ILE B 60 3.93 5.30 0.63
C ILE B 60 3.67 5.32 2.11
N LEU B 61 3.14 6.44 2.53
CA LEU B 61 2.85 6.76 3.88
C LEU B 61 1.40 6.85 4.15
N LYS B 62 1.00 6.13 5.17
CA LYS B 62 -0.31 6.19 5.73
C LYS B 62 -0.26 6.71 7.16
N LYS B 63 -1.09 7.68 7.47
CA LYS B 63 -1.11 8.30 8.78
C LYS B 63 -2.55 8.34 9.27
N SER B 64 -2.74 8.41 10.59
CA SER B 64 -4.01 8.88 11.14
C SER B 64 -3.68 9.90 12.21
N LYS B 65 -4.63 10.24 13.06
CA LYS B 65 -4.39 11.26 14.03
C LYS B 65 -3.19 10.90 14.94
N MET B 66 -2.16 11.73 14.89
CA MET B 66 -0.97 11.51 15.69
C MET B 66 -0.42 10.11 15.60
N LYS B 67 -0.46 9.53 14.40
CA LYS B 67 -0.04 8.12 14.27
C LYS B 67 0.52 7.78 12.87
N LEU B 68 1.77 7.31 12.80
CA LEU B 68 2.26 6.66 11.60
C LEU B 68 1.66 5.26 11.59
N GLU B 69 0.72 5.05 10.67
CA GLU B 69 0.05 3.75 10.59
CA GLU B 69 0.03 3.76 10.55
C GLU B 69 0.91 2.83 9.75
N LYS B 70 1.50 3.37 8.66
CA LYS B 70 2.30 2.53 7.79
C LYS B 70 3.20 3.29 6.82
N LEU B 71 4.39 2.76 6.58
CA LEU B 71 5.29 3.33 5.64
C LEU B 71 5.95 2.24 4.86
N LEU B 72 5.74 2.30 3.57
CA LEU B 72 6.31 1.28 2.77
C LEU B 72 7.27 1.99 1.83
N ILE B 73 8.54 1.57 1.87
CA ILE B 73 9.66 2.26 1.21
C ILE B 73 10.28 1.43 0.11
N ASN B 74 10.63 2.04 -1.00
CA ASN B 74 11.45 1.36 -2.01
C ASN B 74 12.88 1.49 -1.66
N SER B 75 13.53 0.33 -1.64
CA SER B 75 14.94 0.22 -1.26
C SER B 75 15.82 1.24 -2.02
N ALA B 76 16.70 1.96 -1.35
CA ALA B 76 17.47 3.03 -1.98
C ALA B 76 18.69 3.32 -1.14
N LYS B 77 19.46 4.31 -1.56
CA LYS B 77 20.59 4.85 -0.83
C LYS B 77 20.19 5.03 0.64
N LYS B 78 21.03 4.58 1.58
CA LYS B 78 20.61 4.55 2.99
C LYS B 78 20.34 5.92 3.61
N GLU B 79 21.16 6.93 3.26
CA GLU B 79 20.94 8.28 3.69
C GLU B 79 19.52 8.83 3.34
N ASP B 80 19.04 8.55 2.13
CA ASP B 80 17.74 8.94 1.66
C ASP B 80 16.66 8.12 2.35
N MET B 81 16.92 6.84 2.55
CA MET B 81 15.92 6.03 3.28
C MET B 81 15.78 6.54 4.70
N ARG B 82 16.91 6.91 5.33
CA ARG B 82 16.89 7.31 6.73
C ARG B 82 16.14 8.61 6.87
N ASP B 83 16.41 9.56 5.98
CA ASP B 83 15.75 10.85 6.01
C ASP B 83 14.29 10.74 5.66
N LEU B 84 13.94 9.89 4.71
CA LEU B 84 12.52 9.68 4.42
C LEU B 84 11.76 9.14 5.65
N ILE B 85 12.29 8.13 6.30
CA ILE B 85 11.66 7.59 7.51
C ILE B 85 11.51 8.66 8.60
N ILE B 86 12.57 9.37 8.97
CA ILE B 86 12.47 10.47 9.92
C ILE B 86 11.46 11.53 9.52
N LEU B 87 11.46 11.95 8.25
CA LEU B 87 10.54 13.01 7.80
C LEU B 87 9.05 12.48 7.87
N CYS B 88 8.87 11.19 7.56
CA CYS B 88 7.50 10.61 7.63
C CYS B 88 7.08 10.45 9.08
N MET B 89 8.02 10.11 9.99
CA MET B 89 7.66 10.06 11.40
C MET B 89 7.22 11.40 11.94
N VAL B 90 7.93 12.47 11.53
CA VAL B 90 7.61 13.82 11.90
C VAL B 90 6.27 14.23 11.22
N PHE B 91 6.16 14.05 9.91
CA PHE B 91 4.92 14.43 9.21
C PHE B 91 3.71 13.72 9.78
N SER B 92 3.88 12.47 10.22
CA SER B 92 2.75 11.73 10.81
C SER B 92 2.27 12.31 12.13
N GLN B 93 3.06 13.23 12.75
CA GLN B 93 2.74 13.78 14.08
C GLN B 93 2.54 12.69 15.15
N ASP B 94 3.27 11.58 14.96
CA ASP B 94 3.22 10.46 15.91
C ASP B 94 3.54 10.88 17.36
N THR B 95 2.71 10.37 18.28
CA THR B 95 2.91 10.55 19.73
C THR B 95 4.39 10.27 20.14
N ARG B 96 4.94 9.19 19.61
CA ARG B 96 6.35 8.85 19.93
C ARG B 96 7.34 9.92 19.45
N MET B 97 6.99 10.56 18.35
CA MET B 97 7.87 11.56 17.75
C MET B 97 7.91 12.78 18.68
N PHE B 98 6.77 13.26 19.19
CA PHE B 98 6.76 14.36 20.18
C PHE B 98 7.51 14.02 21.44
N GLN B 99 7.27 12.82 21.97
CA GLN B 99 8.04 12.34 23.10
C GLN B 99 9.56 12.28 22.87
N GLY B 100 9.99 12.09 21.63
CA GLY B 100 11.46 11.97 21.42
C GLY B 100 12.24 13.29 21.51
N VAL B 101 11.58 14.41 21.70
CA VAL B 101 12.34 15.67 21.75
C VAL B 101 12.97 15.88 23.14
N ARG B 102 14.14 15.33 23.41
CA ARG B 102 14.84 15.52 24.70
C ARG B 102 15.62 16.85 24.79
N GLY B 103 16.22 17.32 23.71
CA GLY B 103 17.03 18.55 23.74
C GLY B 103 16.21 19.82 23.80
N GLU B 104 16.86 20.97 23.57
CA GLU B 104 16.16 22.24 23.55
C GLU B 104 15.67 22.47 22.14
N ILE B 105 14.55 23.16 22.03
CA ILE B 105 13.98 23.43 20.74
C ILE B 105 13.25 24.77 20.88
N ASN B 106 13.59 25.68 19.98
CA ASN B 106 13.03 27.05 20.00
C ASN B 106 11.99 27.18 18.92
N PHE B 107 10.91 27.88 19.25
CA PHE B 107 9.91 28.21 18.26
C PHE B 107 9.92 29.69 17.81
N LEU B 108 10.96 30.43 18.22
CA LEU B 108 11.28 31.76 17.75
C LEU B 108 12.77 31.72 17.30
N ASN B 109 13.13 32.40 16.22
CA ASN B 109 14.55 32.54 15.87
C ASN B 109 15.19 33.73 16.67
N ARG B 110 16.45 34.04 16.41
CA ARG B 110 17.19 35.00 17.29
C ARG B 110 16.75 36.42 17.11
N ALA B 111 16.26 36.74 15.88
CA ALA B 111 15.58 38.03 15.63
C ALA B 111 14.17 38.06 16.26
N GLY B 112 13.75 36.99 16.92
CA GLY B 112 12.44 37.00 17.60
C GLY B 112 11.29 36.67 16.63
N GLN B 113 11.60 36.15 15.45
CA GLN B 113 10.56 35.81 14.50
C GLN B 113 9.86 34.47 14.76
N LEU B 114 8.66 34.33 14.25
CA LEU B 114 7.81 33.14 14.46
C LEU B 114 8.34 31.99 13.60
N LEU B 115 8.55 30.82 14.23
CA LEU B 115 8.95 29.61 13.49
C LEU B 115 7.79 28.60 13.55
N SER B 116 7.69 27.80 12.49
CA SER B 116 6.73 26.74 12.44
C SER B 116 7.05 25.57 13.39
N PRO B 117 6.13 25.25 14.34
CA PRO B 117 6.52 24.07 15.15
C PRO B 117 6.89 22.83 14.30
N MET B 118 6.10 22.51 13.27
CA MET B 118 6.34 21.25 12.55
C MET B 118 7.70 21.32 11.83
N TYR B 119 8.02 22.47 11.30
CA TYR B 119 9.26 22.65 10.59
CA TYR B 119 9.27 22.62 10.59
C TYR B 119 10.47 22.52 11.52
N GLN B 120 10.34 23.05 12.72
CA GLN B 120 11.41 22.97 13.71
C GLN B 120 11.69 21.52 14.13
N LEU B 121 10.61 20.75 14.26
CA LEU B 121 10.69 19.35 14.61
C LEU B 121 11.44 18.59 13.55
N GLN B 122 11.16 18.92 12.29
CA GLN B 122 11.84 18.26 11.18
C GLN B 122 13.34 18.52 11.28
N ARG B 123 13.71 19.79 11.50
CA ARG B 123 15.15 20.16 11.58
C ARG B 123 15.75 19.53 12.82
N TYR B 124 15.00 19.48 13.91
CA TYR B 124 15.49 18.86 15.11
C TYR B 124 15.88 17.38 14.89
N PHE B 125 14.92 16.58 14.39
CA PHE B 125 15.17 15.16 14.26
C PHE B 125 16.14 14.80 13.13
N LEU B 126 16.19 15.59 12.05
CA LEU B 126 17.18 15.32 10.98
C LEU B 126 18.60 15.49 11.48
N ASN B 127 18.73 16.35 12.49
CA ASN B 127 20.03 16.58 13.12
C ASN B 127 20.28 15.60 14.27
N ARG B 128 19.23 15.07 14.93
CA ARG B 128 19.37 14.14 16.06
C ARG B 128 18.42 12.97 15.92
N SER B 129 18.58 12.20 14.88
CA SER B 129 17.63 11.12 14.59
C SER B 129 17.56 10.07 15.65
N SER B 130 18.65 9.85 16.39
CA SER B 130 18.65 8.79 17.42
C SER B 130 17.65 9.13 18.52
N ASP B 131 17.38 10.42 18.74
CA ASP B 131 16.30 10.78 19.67
C ASP B 131 14.90 10.26 19.23
N LEU B 132 14.70 10.10 17.93
CA LEU B 132 13.43 9.56 17.43
C LEU B 132 13.39 8.04 17.44
N PHE B 133 14.49 7.46 16.93
CA PHE B 133 14.72 6.02 16.94
C PHE B 133 14.67 5.41 18.32
N ASP B 134 15.21 6.09 19.35
CA ASP B 134 15.13 5.59 20.75
C ASP B 134 13.67 5.42 21.24
N GLN B 135 12.76 6.27 20.78
CA GLN B 135 11.36 6.23 21.19
C GLN B 135 10.56 5.21 20.39
N TRP B 136 11.08 4.77 19.26
CA TRP B 136 10.15 4.29 18.26
C TRP B 136 9.59 2.87 18.44
N GLY B 137 10.45 1.92 18.79
CA GLY B 137 10.04 0.53 18.97
C GLY B 137 10.14 -0.28 17.65
N TYR B 138 10.25 -1.60 17.82
CA TYR B 138 10.45 -2.56 16.76
C TYR B 138 9.32 -3.63 16.83
N GLU B 139 9.13 -4.40 15.76
CA GLU B 139 8.18 -5.53 15.70
C GLU B 139 8.79 -6.46 14.66
N GLU B 140 8.27 -7.70 14.58
CA GLU B 140 8.87 -8.70 13.70
C GLU B 140 8.68 -8.27 12.29
N SER B 141 9.64 -8.60 11.44
CA SER B 141 9.61 -8.23 10.04
C SER B 141 8.54 -9.12 9.35
N PRO B 142 7.98 -8.69 8.22
CA PRO B 142 7.01 -9.50 7.46
C PRO B 142 7.65 -10.78 6.96
N LYS B 143 6.84 -11.81 6.78
CA LYS B 143 7.36 -13.08 6.22
C LYS B 143 7.30 -13.19 4.71
N ALA B 144 6.43 -12.36 4.11
CA ALA B 144 6.38 -12.05 2.66
C ALA B 144 7.73 -12.04 2.02
N SER B 145 7.81 -12.59 0.83
CA SER B 145 9.08 -12.67 0.16
C SER B 145 9.49 -11.34 -0.52
N GLU B 146 8.53 -10.53 -0.97
CA GLU B 146 8.91 -9.30 -1.69
C GLU B 146 9.25 -8.10 -0.76
N LEU B 147 8.95 -8.26 0.54
CA LEU B 147 9.15 -7.22 1.56
C LEU B 147 10.31 -7.58 2.48
N HIS B 148 11.01 -6.61 3.04
CA HIS B 148 11.82 -6.92 4.21
C HIS B 148 11.74 -5.83 5.30
N GLY B 149 12.19 -6.17 6.50
CA GLY B 149 12.20 -5.20 7.57
C GLY B 149 13.51 -4.44 7.57
N ILE B 150 13.55 -3.32 8.25
CA ILE B 150 14.71 -2.45 8.22
C ILE B 150 14.87 -1.93 9.65
N ASN B 151 16.09 -1.75 10.10
CA ASN B 151 16.34 -1.10 11.40
C ASN B 151 16.84 0.36 11.28
N GLU B 152 17.08 0.97 12.42
CA GLU B 152 17.42 2.40 12.44
C GLU B 152 18.73 2.71 11.77
N SER B 153 19.52 1.70 11.49
CA SER B 153 20.78 1.86 10.80
C SER B 153 20.54 1.57 9.33
N MET B 154 19.31 1.36 8.91
CA MET B 154 18.93 1.19 7.49
C MET B 154 19.40 -0.16 6.88
N ASN B 155 19.72 -1.14 7.72
CA ASN B 155 20.07 -2.47 7.26
C ASN B 155 18.84 -3.39 7.34
N ALA B 156 18.81 -4.40 6.46
CA ALA B 156 17.80 -5.46 6.48
C ALA B 156 17.92 -6.15 7.79
N SER B 157 16.79 -6.51 8.38
CA SER B 157 16.77 -7.09 9.71
C SER B 157 15.49 -7.98 9.90
N ASP B 158 15.54 -8.86 10.90
CA ASP B 158 14.42 -9.73 11.31
C ASP B 158 13.37 -9.01 12.11
N TYR B 159 13.81 -7.88 12.66
CA TYR B 159 12.99 -6.88 13.37
C TYR B 159 13.10 -5.53 12.66
N THR B 160 11.96 -4.85 12.55
CA THR B 160 11.80 -3.68 11.74
C THR B 160 11.23 -2.61 12.62
N LEU B 161 11.58 -1.34 12.32
CA LEU B 161 10.94 -0.18 12.92
C LEU B 161 9.39 -0.30 12.83
N LYS B 162 8.65 -0.16 13.94
CA LYS B 162 7.20 -0.40 13.85
C LYS B 162 6.49 0.40 12.71
N GLY B 163 5.74 -0.32 11.91
CA GLY B 163 4.97 0.25 10.81
C GLY B 163 5.74 0.47 9.51
N VAL B 164 6.99 0.06 9.48
CA VAL B 164 7.85 0.35 8.33
C VAL B 164 8.31 -0.92 7.65
N VAL B 165 8.17 -1.00 6.32
CA VAL B 165 8.60 -2.19 5.63
C VAL B 165 9.22 -1.64 4.37
N VAL B 166 10.13 -2.43 3.82
CA VAL B 166 10.90 -2.08 2.65
C VAL B 166 10.56 -3.04 1.55
N THR B 167 10.32 -2.53 0.37
CA THR B 167 10.12 -3.37 -0.77
C THR B 167 11.30 -3.25 -1.71
N LYS B 168 11.74 -4.36 -2.29
CA LYS B 168 12.73 -4.25 -3.39
C LYS B 168 12.09 -3.63 -4.63
N ASN B 169 11.19 -4.38 -5.27
CA ASN B 169 10.58 -3.98 -6.59
CA ASN B 169 10.49 -3.98 -6.50
C ASN B 169 10.72 -2.49 -6.87
PA M7G C . -21.43 -13.49 -4.12
O1A M7G C . -22.20 -13.07 -5.35
O2A M7G C . -21.06 -14.89 -3.89
O3A M7G C . -22.36 -13.12 -2.81
O5' M7G C . -20.08 -12.58 -3.89
PB M7G C . -23.03 -11.66 -2.56
O1B M7G C . -23.71 -10.98 -3.71
O2B M7G C . -23.92 -11.90 -1.37
O3B M7G C . -21.99 -10.50 -2.19
C5' M7G C . -19.24 -12.92 -2.79
C4' M7G C . -17.81 -12.59 -3.24
O4' M7G C . -17.03 -12.40 -2.05
C3' M7G C . -17.26 -13.81 -3.95
O3' M7G C . -16.29 -13.35 -4.88
C2' M7G C . -16.56 -14.54 -2.83
O2' M7G C . -15.41 -15.22 -3.38
C1' M7G C . -16.05 -13.43 -1.89
N9 M7G C . -15.69 -13.98 -0.54
C8 M7G C . -16.50 -14.77 0.51
N7 M7G C . -15.74 -14.83 1.85
CM7 M7G C . -16.37 -15.52 2.77
C5 M7G C . -14.87 -13.73 1.62
C6 M7G C . -13.99 -12.96 2.49
O6 M7G C . -13.93 -13.30 3.64
N1 M7G C . -13.28 -11.89 1.98
C2 M7G C . -13.31 -11.52 0.66
N2 M7G C . -12.60 -10.45 0.14
N3 M7G C . -14.12 -12.18 -0.21
C4 M7G C . -14.89 -13.21 0.24
PA M7G D . 2.51 24.80 9.55
O1A M7G D . 3.42 25.23 10.65
O2A M7G D . 2.99 24.94 8.14
O3A M7G D . 1.13 25.70 9.61
O5' M7G D . 2.14 23.28 9.81
PB M7G D . 0.10 25.82 10.87
O1B M7G D . -1.00 26.70 10.40
O2B M7G D . -0.27 24.56 11.63
O3B M7G D . 0.98 26.54 12.01
C5' M7G D . 1.40 22.56 8.81
C4' M7G D . 1.77 21.10 8.88
O4' M7G D . 0.75 20.37 8.21
C3' M7G D . 3.01 20.91 8.03
O3' M7G D . 3.71 19.77 8.56
C2' M7G D . 2.49 20.59 6.65
O2' M7G D . 3.39 19.72 5.95
C1' M7G D . 1.23 19.81 6.99
N9 M7G D . 0.35 19.74 5.81
C8 M7G D . -0.32 20.89 5.07
N7 M7G D . -1.33 20.17 4.16
CM7 M7G D . -1.69 20.63 2.82
C5 M7G D . -1.65 18.99 4.78
C6 M7G D . -2.70 17.96 4.68
O6 M7G D . -3.59 18.07 3.88
N1 M7G D . -2.65 16.90 5.49
C2 M7G D . -1.64 16.73 6.37
N2 M7G D . -1.63 15.66 7.20
N3 M7G D . -0.69 17.66 6.56
C4 M7G D . -0.64 18.74 5.79
#